data_5H2G
#
_entry.id   5H2G
#
_cell.length_a   101.738
_cell.length_b   119.079
_cell.length_c   155.585
_cell.angle_alpha   90.000
_cell.angle_beta   90.000
_cell.angle_gamma   90.000
#
_symmetry.space_group_name_H-M   'I 2 2 2'
#
loop_
_entity.id
_entity.type
_entity.pdbx_description
1 polymer 'Diaminopimelate epimerase'
2 non-polymer GLYCEROL
3 non-polymer 'SULFATE ION'
4 water water
#
_entity_poly.entity_id   1
_entity_poly.type   'polypeptide(L)'
_entity_poly.pdbx_seq_one_letter_code
;MNLTIPFAKGHATENDFIIIPDEDARLDLTPEMVVTLCDRRAGIGADGILRVVKAADVEGSTVDPSLWFMDYRNADGSLA
EMCGNGVRLFAHWLYSRGLVDNTSFDIGTRAGVRHVDILQADQHSAQVRVDMGIPDVTGLSTCDINGQVFAGLGVDMGNP
HLACVVPGLSASALADMELRAPTFDQEFFPHGVNVEIVTELEDDAVSMRVWERGVGETRSCGTGTVAAACAALADAGLGE
GTVKVCVPGGEVEVQIFDDGSTLTGPSAIIALGEVQIHHHHHH
;
_entity_poly.pdbx_strand_id   A,B
#
loop_
_chem_comp.id
_chem_comp.type
_chem_comp.name
_chem_comp.formula
GOL non-polymer GLYCEROL 'C3 H8 O3'
SO4 non-polymer 'SULFATE ION' 'O4 S -2'
#
# COMPACT_ATOMS: atom_id res chain seq x y z
N MET A 1 21.62 -3.28 14.17
CA MET A 1 22.00 -2.97 12.76
C MET A 1 20.80 -2.67 11.89
N ASN A 2 20.65 -1.37 11.69
CA ASN A 2 19.88 -0.84 10.58
C ASN A 2 20.75 -1.02 9.31
N LEU A 3 20.20 -1.54 8.21
CA LEU A 3 20.94 -1.69 6.95
C LEU A 3 20.32 -0.97 5.75
N THR A 4 21.13 -0.33 4.92
CA THR A 4 20.67 0.28 3.72
C THR A 4 20.80 -0.74 2.58
N ILE A 5 19.74 -0.87 1.78
CA ILE A 5 19.69 -1.91 0.70
C ILE A 5 19.29 -1.21 -0.62
N PRO A 6 20.13 -1.26 -1.66
CA PRO A 6 19.61 -0.90 -2.97
C PRO A 6 18.45 -1.82 -3.45
N PHE A 7 17.43 -1.18 -4.03
CA PHE A 7 16.27 -1.90 -4.52
C PHE A 7 15.66 -1.24 -5.76
N ALA A 8 14.78 -1.98 -6.38
CA ALA A 8 13.86 -1.45 -7.36
C ALA A 8 12.44 -1.83 -6.98
N LYS A 9 11.47 -0.96 -7.37
CA LYS A 9 10.04 -1.31 -7.21
C LYS A 9 9.44 -1.52 -8.56
N GLY A 10 8.70 -2.63 -8.74
CA GLY A 10 7.96 -2.86 -9.94
C GLY A 10 6.70 -3.63 -9.74
N HIS A 11 6.00 -3.87 -10.81
CA HIS A 11 4.82 -4.72 -10.75
C HIS A 11 4.51 -5.34 -12.11
N ALA A 12 3.73 -6.42 -12.08
CA ALA A 12 3.31 -7.16 -13.22
C ALA A 12 1.80 -7.33 -13.10
N THR A 13 1.08 -6.56 -13.88
CA THR A 13 -0.37 -6.35 -13.73
C THR A 13 -0.80 -6.00 -12.27
N GLU A 14 -0.02 -5.12 -11.63
CA GLU A 14 -0.26 -4.57 -10.33
C GLU A 14 -0.17 -5.59 -9.18
N ASN A 15 0.49 -6.70 -9.45
CA ASN A 15 0.94 -7.59 -8.44
C ASN A 15 2.39 -7.13 -8.29
N ASP A 16 2.70 -6.56 -7.12
CA ASP A 16 3.87 -5.69 -6.98
C ASP A 16 4.95 -6.32 -6.16
N PHE A 17 6.19 -5.94 -6.49
CA PHE A 17 7.40 -6.53 -5.87
C PHE A 17 8.49 -5.55 -5.66
N ILE A 18 9.28 -5.79 -4.58
CA ILE A 18 10.50 -5.12 -4.35
C ILE A 18 11.60 -6.08 -4.90
N ILE A 19 12.39 -5.55 -5.81
CA ILE A 19 13.53 -6.25 -6.41
C ILE A 19 14.77 -5.85 -5.63
N ILE A 20 15.50 -6.86 -5.11
CA ILE A 20 16.76 -6.64 -4.33
C ILE A 20 17.86 -7.34 -5.06
N PRO A 21 18.67 -6.60 -5.80
CA PRO A 21 19.92 -7.14 -6.40
C PRO A 21 20.89 -7.71 -5.38
N ASP A 22 21.34 -8.94 -5.62
CA ASP A 22 22.34 -9.55 -4.68
C ASP A 22 23.12 -10.58 -5.46
N GLU A 23 23.72 -10.11 -6.55
CA GLU A 23 24.42 -10.92 -7.48
C GLU A 23 25.62 -11.72 -6.81
N ASP A 24 26.19 -11.22 -5.72
CA ASP A 24 27.30 -11.87 -4.99
C ASP A 24 26.80 -12.57 -3.79
N ALA A 25 25.49 -12.67 -3.61
CA ALA A 25 24.90 -13.47 -2.58
C ALA A 25 25.40 -13.07 -1.19
N ARG A 26 25.38 -11.78 -0.92
CA ARG A 26 25.94 -11.21 0.31
C ARG A 26 24.87 -10.99 1.30
N LEU A 27 23.59 -10.84 0.90
CA LEU A 27 22.57 -10.40 1.87
C LEU A 27 21.84 -11.61 2.51
N ASP A 28 21.75 -11.60 3.81
CA ASP A 28 20.95 -12.54 4.53
C ASP A 28 19.64 -11.81 4.82
N LEU A 29 18.65 -12.07 3.95
CA LEU A 29 17.37 -11.47 4.04
C LEU A 29 16.53 -12.39 4.86
N THR A 30 16.16 -11.96 6.03
CA THR A 30 15.37 -12.75 6.95
C THR A 30 13.86 -12.53 6.78
N PRO A 31 13.02 -13.44 7.30
CA PRO A 31 11.58 -13.20 7.26
C PRO A 31 11.17 -11.90 7.88
N GLU A 32 11.82 -11.52 8.98
CA GLU A 32 11.43 -10.29 9.66
C GLU A 32 11.74 -9.03 8.74
N MET A 33 12.89 -9.06 8.07
CA MET A 33 13.27 -7.99 7.15
C MET A 33 12.26 -7.95 5.94
N VAL A 34 11.85 -9.10 5.41
CA VAL A 34 10.80 -9.16 4.43
C VAL A 34 9.53 -8.43 4.84
N VAL A 35 8.99 -8.79 6.00
CA VAL A 35 7.80 -8.18 6.46
C VAL A 35 7.96 -6.69 6.56
N THR A 36 9.10 -6.24 7.11
CA THR A 36 9.38 -4.84 7.36
C THR A 36 9.40 -4.09 6.03
N LEU A 37 10.07 -4.67 5.06
CA LEU A 37 10.17 -4.00 3.75
C LEU A 37 8.83 -3.93 3.03
N CYS A 38 8.02 -5.01 3.12
CA CYS A 38 6.76 -5.08 2.42
C CYS A 38 5.62 -4.36 3.07
N ASP A 39 5.84 -3.85 4.27
CA ASP A 39 4.79 -3.05 4.99
C ASP A 39 4.59 -1.75 4.16
N ARG A 40 3.38 -1.49 3.71
CA ARG A 40 3.15 -0.42 2.75
C ARG A 40 3.35 1.03 3.34
N ARG A 41 3.09 1.18 4.64
CA ARG A 41 3.14 2.48 5.27
C ARG A 41 4.41 2.73 6.07
N ALA A 42 4.96 1.70 6.73
CA ALA A 42 6.23 1.81 7.41
C ALA A 42 7.44 1.47 6.57
N GLY A 43 7.24 0.79 5.47
CA GLY A 43 8.36 0.32 4.64
C GLY A 43 8.09 0.74 3.21
N ILE A 44 8.53 -0.04 2.24
CA ILE A 44 8.34 0.32 0.87
C ILE A 44 6.98 -0.17 0.37
N GLY A 45 6.58 -1.40 0.76
CA GLY A 45 5.26 -1.91 0.35
C GLY A 45 5.28 -2.73 -0.93
N ALA A 46 4.87 -3.98 -0.80
CA ALA A 46 4.75 -4.90 -1.89
C ALA A 46 4.04 -6.17 -1.51
N ASP A 47 3.73 -6.98 -2.53
CA ASP A 47 3.16 -8.31 -2.36
C ASP A 47 4.32 -9.29 -2.05
N GLY A 48 5.54 -8.88 -2.32
CA GLY A 48 6.65 -9.75 -2.15
C GLY A 48 7.96 -9.18 -2.57
N ILE A 49 9.03 -9.98 -2.37
CA ILE A 49 10.35 -9.58 -2.63
C ILE A 49 10.94 -10.58 -3.60
N LEU A 50 11.58 -10.03 -4.60
CA LEU A 50 12.38 -10.83 -5.60
C LEU A 50 13.87 -10.50 -5.42
N ARG A 51 14.56 -11.42 -4.73
CA ARG A 51 16.01 -11.29 -4.58
C ARG A 51 16.71 -11.92 -5.77
N VAL A 52 17.65 -11.18 -6.35
CA VAL A 52 18.30 -11.56 -7.59
C VAL A 52 19.69 -12.18 -7.23
N VAL A 53 19.80 -13.50 -7.36
CA VAL A 53 20.99 -14.30 -6.99
C VAL A 53 21.17 -15.43 -7.99
N LYS A 54 22.36 -15.96 -8.11
CA LYS A 54 22.61 -17.16 -8.94
C LYS A 54 22.12 -18.40 -8.27
N ALA A 55 21.64 -19.39 -9.06
CA ALA A 55 21.09 -20.66 -8.51
C ALA A 55 22.17 -21.43 -7.68
N ALA A 56 23.42 -21.32 -8.13
CA ALA A 56 24.61 -21.81 -7.36
C ALA A 56 24.58 -21.40 -5.91
N ASP A 57 24.09 -20.19 -5.62
CA ASP A 57 24.10 -19.69 -4.25
C ASP A 57 22.88 -19.92 -3.48
N VAL A 58 21.93 -20.67 -4.02
CA VAL A 58 20.74 -21.02 -3.29
C VAL A 58 20.86 -22.50 -2.92
N GLU A 59 20.94 -22.80 -1.64
CA GLU A 59 21.11 -24.20 -1.18
C GLU A 59 19.81 -24.96 -1.45
N GLY A 60 19.95 -26.16 -2.01
CA GLY A 60 18.75 -26.97 -2.40
C GLY A 60 18.14 -26.60 -3.77
N SER A 61 18.66 -25.57 -4.45
CA SER A 61 18.19 -25.30 -5.80
C SER A 61 18.41 -26.57 -6.66
N THR A 62 17.33 -27.00 -7.33
CA THR A 62 17.35 -28.20 -8.12
C THR A 62 17.98 -27.90 -9.49
N VAL A 63 18.09 -26.63 -9.88
CA VAL A 63 18.28 -26.28 -11.28
C VAL A 63 19.70 -26.10 -11.69
N ASP A 64 19.93 -25.86 -12.96
CA ASP A 64 21.25 -25.54 -13.48
C ASP A 64 21.84 -24.34 -12.68
N PRO A 65 23.01 -24.53 -12.07
CA PRO A 65 23.52 -23.52 -11.15
C PRO A 65 24.06 -22.26 -11.83
N SER A 66 24.28 -22.28 -13.16
CA SER A 66 24.62 -21.06 -13.84
C SER A 66 23.39 -20.05 -14.05
N LEU A 67 22.18 -20.48 -13.78
CA LEU A 67 21.00 -19.65 -14.12
C LEU A 67 20.83 -18.57 -13.02
N TRP A 68 20.18 -17.45 -13.32
CA TRP A 68 19.67 -16.61 -12.22
C TRP A 68 18.50 -17.30 -11.57
N PHE A 69 18.36 -17.10 -10.27
CA PHE A 69 17.35 -17.75 -9.48
C PHE A 69 16.48 -16.67 -8.87
N MET A 70 15.19 -16.77 -9.11
CA MET A 70 14.22 -15.90 -8.51
C MET A 70 13.96 -16.27 -7.07
N ASP A 71 14.70 -15.66 -6.15
CA ASP A 71 14.53 -16.00 -4.73
C ASP A 71 13.34 -15.16 -4.25
N TYR A 72 12.17 -15.76 -4.28
CA TYR A 72 10.92 -15.04 -4.07
C TYR A 72 10.44 -15.20 -2.61
N ARG A 73 10.11 -14.10 -1.93
CA ARG A 73 9.58 -14.17 -0.62
C ARG A 73 8.21 -13.53 -0.65
N ASN A 74 7.20 -14.13 -0.03
CA ASN A 74 5.96 -13.43 0.16
C ASN A 74 6.16 -12.33 1.17
N ALA A 75 5.23 -11.35 1.13
CA ALA A 75 5.22 -10.25 2.07
C ALA A 75 5.12 -10.62 3.54
N ASP A 76 4.58 -11.82 3.85
CA ASP A 76 4.47 -12.33 5.23
C ASP A 76 5.71 -13.00 5.68
N GLY A 77 6.74 -13.01 4.86
CA GLY A 77 8.06 -13.57 5.21
C GLY A 77 8.27 -14.99 4.75
N SER A 78 7.19 -15.69 4.31
CA SER A 78 7.39 -17.06 3.87
C SER A 78 8.05 -17.17 2.51
N LEU A 79 8.74 -18.29 2.35
CA LEU A 79 9.27 -18.70 1.06
C LEU A 79 8.15 -19.07 0.21
N ALA A 80 8.31 -18.73 -1.04
CA ALA A 80 7.29 -18.95 -2.01
C ALA A 80 7.96 -19.73 -3.13
N GLU A 81 7.12 -20.47 -3.85
CA GLU A 81 7.51 -21.31 -4.96
C GLU A 81 7.67 -20.39 -6.25
N MET A 82 6.56 -20.14 -6.91
CA MET A 82 6.64 -19.38 -8.11
C MET A 82 5.39 -18.44 -8.23
N CYS A 83 5.49 -17.48 -9.14
CA CYS A 83 4.50 -16.40 -9.28
C CYS A 83 4.34 -16.06 -10.77
N GLY A 84 3.26 -16.50 -11.33
CA GLY A 84 3.05 -16.21 -12.77
C GLY A 84 3.33 -14.76 -13.23
N ASN A 85 3.05 -13.82 -12.31
CA ASN A 85 3.27 -12.41 -12.59
C ASN A 85 4.68 -12.03 -12.22
N GLY A 86 5.14 -12.38 -10.98
CA GLY A 86 6.47 -11.97 -10.52
C GLY A 86 7.60 -12.44 -11.44
N VAL A 87 7.44 -13.64 -12.06
CA VAL A 87 8.41 -14.06 -13.09
C VAL A 87 8.55 -13.10 -14.19
N ARG A 88 7.44 -12.49 -14.64
CA ARG A 88 7.60 -11.47 -15.69
C ARG A 88 8.46 -10.31 -15.26
N LEU A 89 8.25 -9.82 -14.03
CA LEU A 89 9.07 -8.72 -13.57
C LEU A 89 10.56 -9.11 -13.42
N PHE A 90 10.77 -10.26 -12.84
CA PHE A 90 12.13 -10.82 -12.68
C PHE A 90 12.82 -10.94 -14.05
N ALA A 91 12.12 -11.46 -15.03
CA ALA A 91 12.67 -11.59 -16.42
C ALA A 91 13.00 -10.22 -17.05
N HIS A 92 12.10 -9.26 -16.85
CA HIS A 92 12.23 -7.89 -17.30
C HIS A 92 13.49 -7.26 -16.67
N TRP A 93 13.63 -7.43 -15.35
CA TRP A 93 14.82 -6.97 -14.65
C TRP A 93 16.15 -7.57 -15.22
N LEU A 94 16.20 -8.88 -15.33
CA LEU A 94 17.38 -9.56 -15.85
C LEU A 94 17.82 -9.10 -17.22
N TYR A 95 16.88 -9.03 -18.15
CA TYR A 95 17.09 -8.60 -19.57
C TYR A 95 17.44 -7.15 -19.69
N SER A 96 16.67 -6.28 -19.07
CA SER A 96 16.87 -4.85 -19.22
C SER A 96 18.15 -4.39 -18.51
N ARG A 97 18.60 -5.08 -17.48
CA ARG A 97 19.85 -4.74 -16.87
C ARG A 97 21.08 -5.51 -17.50
N GLY A 98 20.91 -6.21 -18.63
CA GLY A 98 22.01 -6.98 -19.28
C GLY A 98 22.60 -8.13 -18.47
N LEU A 99 21.86 -8.72 -17.56
CA LEU A 99 22.34 -9.83 -16.80
C LEU A 99 22.17 -11.15 -17.57
N VAL A 100 21.38 -11.12 -18.63
CA VAL A 100 21.29 -12.24 -19.59
C VAL A 100 21.47 -11.59 -20.96
N ASP A 101 21.87 -12.40 -21.92
CA ASP A 101 22.18 -11.87 -23.27
C ASP A 101 21.24 -12.30 -24.37
N ASN A 102 20.07 -12.85 -24.03
CA ASN A 102 19.16 -13.33 -25.05
C ASN A 102 17.72 -12.99 -24.61
N THR A 103 16.83 -12.77 -25.57
CA THR A 103 15.42 -12.56 -25.27
C THR A 103 14.74 -13.83 -24.79
N SER A 104 15.34 -14.99 -25.06
CA SER A 104 14.80 -16.28 -24.68
C SER A 104 15.74 -16.93 -23.66
N PHE A 105 15.26 -17.28 -22.46
CA PHE A 105 16.14 -17.77 -21.41
C PHE A 105 15.39 -18.43 -20.29
N ASP A 106 16.13 -19.13 -19.43
CA ASP A 106 15.55 -19.79 -18.33
C ASP A 106 15.92 -19.06 -17.05
N ILE A 107 15.04 -19.26 -16.08
CA ILE A 107 15.16 -18.75 -14.75
C ILE A 107 14.92 -19.90 -13.75
N GLY A 108 15.70 -19.94 -12.70
CA GLY A 108 15.46 -20.96 -11.68
C GLY A 108 14.46 -20.44 -10.66
N THR A 109 13.66 -21.35 -10.12
CA THR A 109 12.70 -21.03 -9.05
C THR A 109 12.67 -22.27 -8.18
N ARG A 110 12.09 -22.12 -7.01
CA ARG A 110 11.87 -23.23 -6.13
C ARG A 110 10.92 -24.25 -6.72
N ALA A 111 10.12 -23.87 -7.74
CA ALA A 111 9.21 -24.81 -8.41
C ALA A 111 9.85 -25.42 -9.66
N GLY A 112 11.15 -25.27 -9.83
CA GLY A 112 11.78 -25.71 -11.06
C GLY A 112 12.12 -24.57 -12.00
N VAL A 113 12.76 -24.94 -13.09
CA VAL A 113 13.16 -24.02 -14.15
C VAL A 113 11.87 -23.46 -14.78
N ARG A 114 11.93 -22.17 -15.12
CA ARG A 114 10.87 -21.49 -15.83
C ARG A 114 11.44 -20.90 -17.11
N HIS A 115 10.82 -21.19 -18.23
CA HIS A 115 11.28 -20.60 -19.49
C HIS A 115 10.53 -19.27 -19.88
N VAL A 116 11.28 -18.24 -20.25
CA VAL A 116 10.70 -16.98 -20.63
C VAL A 116 11.17 -16.47 -22.01
N ASP A 117 10.32 -15.66 -22.60
CA ASP A 117 10.62 -14.90 -23.78
C ASP A 117 10.30 -13.41 -23.57
N ILE A 118 11.30 -12.51 -23.73
CA ILE A 118 11.10 -11.05 -23.79
C ILE A 118 10.57 -10.70 -25.18
N LEU A 119 9.34 -10.24 -25.28
CA LEU A 119 8.77 -9.76 -26.57
C LEU A 119 9.09 -8.33 -26.83
N GLN A 120 9.22 -7.53 -25.77
CA GLN A 120 9.58 -6.12 -25.86
C GLN A 120 10.11 -5.77 -24.48
N ALA A 121 11.13 -4.93 -24.38
CA ALA A 121 11.57 -4.42 -23.04
C ALA A 121 12.37 -3.15 -23.18
N ASP A 122 12.19 -2.21 -22.27
CA ASP A 122 13.17 -1.10 -22.09
C ASP A 122 13.43 -1.06 -20.61
N GLN A 123 13.96 0.03 -20.11
CA GLN A 123 14.30 0.07 -18.69
C GLN A 123 13.06 0.16 -17.74
N HIS A 124 11.91 0.55 -18.28
CA HIS A 124 10.70 0.83 -17.57
C HIS A 124 9.54 -0.15 -17.81
N SER A 125 9.51 -0.77 -18.97
CA SER A 125 8.34 -1.52 -19.41
C SER A 125 8.73 -2.67 -20.21
N ALA A 126 7.96 -3.74 -20.09
CA ALA A 126 8.20 -4.93 -20.94
C ALA A 126 6.90 -5.67 -21.17
N GLN A 127 6.99 -6.52 -22.16
CA GLN A 127 6.04 -7.59 -22.46
C GLN A 127 6.78 -8.91 -22.48
N VAL A 128 6.36 -9.83 -21.59
CA VAL A 128 7.04 -11.07 -21.34
C VAL A 128 6.10 -12.25 -21.41
N ARG A 129 6.53 -13.32 -22.09
CA ARG A 129 5.82 -14.54 -22.16
C ARG A 129 6.51 -15.58 -21.34
N VAL A 130 5.73 -16.30 -20.51
CA VAL A 130 6.21 -17.36 -19.64
C VAL A 130 5.54 -18.64 -19.91
N ASP A 131 6.29 -19.75 -19.90
CA ASP A 131 5.66 -21.10 -19.96
C ASP A 131 5.05 -21.49 -18.63
N MET A 132 3.78 -21.86 -18.63
CA MET A 132 3.04 -22.08 -17.33
C MET A 132 2.68 -23.56 -17.15
N GLY A 133 3.07 -24.44 -18.09
CA GLY A 133 2.78 -25.90 -17.92
C GLY A 133 1.40 -26.29 -18.42
N ILE A 134 1.18 -27.60 -18.42
CA ILE A 134 -0.07 -28.21 -18.92
C ILE A 134 -1.12 -27.95 -17.90
N PRO A 135 -2.19 -27.21 -18.21
CA PRO A 135 -3.19 -27.15 -17.17
C PRO A 135 -3.80 -28.58 -16.94
N ASP A 136 -4.05 -28.93 -15.68
CA ASP A 136 -4.56 -30.25 -15.32
C ASP A 136 -5.92 -29.99 -14.77
N VAL A 137 -6.98 -30.38 -15.47
CA VAL A 137 -8.36 -30.23 -15.01
C VAL A 137 -8.74 -31.43 -14.09
N THR A 138 -8.88 -31.16 -12.81
CA THR A 138 -8.95 -32.14 -11.73
C THR A 138 -10.38 -32.57 -11.46
N GLY A 139 -11.38 -31.89 -12.06
CA GLY A 139 -12.74 -32.25 -11.88
C GLY A 139 -13.65 -31.06 -11.91
N LEU A 140 -14.87 -31.29 -11.45
CA LEU A 140 -15.98 -30.31 -11.50
C LEU A 140 -16.46 -30.10 -10.08
N SER A 141 -16.55 -28.86 -9.60
CA SER A 141 -17.00 -28.61 -8.19
C SER A 141 -17.76 -27.26 -8.22
N THR A 142 -18.00 -26.68 -7.07
CA THR A 142 -18.81 -25.48 -6.93
C THR A 142 -18.27 -24.75 -5.73
N CYS A 143 -18.59 -23.46 -5.66
CA CYS A 143 -18.36 -22.69 -4.48
C CYS A 143 -19.60 -21.85 -4.25
N ASP A 144 -19.61 -21.21 -3.09
CA ASP A 144 -20.69 -20.29 -2.71
C ASP A 144 -20.03 -19.01 -2.33
N ILE A 145 -20.40 -17.94 -3.02
CA ILE A 145 -19.89 -16.62 -2.63
C ILE A 145 -21.09 -15.79 -2.16
N ASN A 146 -21.12 -15.47 -0.86
CA ASN A 146 -22.13 -14.54 -0.32
C ASN A 146 -23.56 -14.99 -0.66
N GLY A 147 -23.86 -16.29 -0.54
CA GLY A 147 -25.16 -16.89 -0.87
C GLY A 147 -25.45 -17.42 -2.26
N GLN A 148 -24.60 -17.14 -3.24
CA GLN A 148 -24.84 -17.49 -4.63
C GLN A 148 -23.87 -18.64 -4.97
N VAL A 149 -24.39 -19.73 -5.52
CA VAL A 149 -23.61 -20.90 -5.85
C VAL A 149 -23.03 -20.74 -7.28
N PHE A 150 -21.75 -20.96 -7.48
CA PHE A 150 -21.14 -20.95 -8.82
C PHE A 150 -20.53 -22.34 -9.11
N ALA A 151 -20.79 -22.89 -10.30
CA ALA A 151 -20.12 -24.10 -10.78
C ALA A 151 -18.74 -23.65 -11.34
N GLY A 152 -17.70 -24.48 -11.18
CA GLY A 152 -16.37 -24.28 -11.79
C GLY A 152 -15.70 -25.57 -12.08
N LEU A 153 -14.57 -25.42 -12.71
CA LEU A 153 -13.63 -26.45 -13.04
C LEU A 153 -12.51 -26.32 -12.06
N GLY A 154 -12.18 -27.46 -11.47
CA GLY A 154 -10.90 -27.64 -10.76
C GLY A 154 -9.75 -27.62 -11.75
N VAL A 155 -8.76 -26.76 -11.49
CA VAL A 155 -7.58 -26.75 -12.39
C VAL A 155 -6.36 -26.73 -11.48
N ASP A 156 -5.38 -27.50 -11.87
CA ASP A 156 -4.10 -27.61 -11.03
C ASP A 156 -3.08 -26.95 -11.90
N MET A 157 -2.57 -25.76 -11.53
CA MET A 157 -1.56 -25.07 -12.28
C MET A 157 -0.18 -25.18 -11.52
N GLY A 158 -0.03 -26.17 -10.65
CA GLY A 158 1.00 -26.13 -9.59
C GLY A 158 0.41 -25.74 -8.26
N ASN A 159 -0.71 -25.07 -8.29
CA ASN A 159 -1.52 -24.64 -7.12
C ASN A 159 -2.96 -24.81 -7.54
N PRO A 160 -3.89 -24.87 -6.58
CA PRO A 160 -5.26 -25.25 -6.87
C PRO A 160 -6.19 -24.05 -7.19
N HIS A 161 -7.06 -24.28 -8.18
CA HIS A 161 -7.98 -23.26 -8.68
C HIS A 161 -9.32 -23.88 -8.85
N LEU A 162 -10.35 -23.06 -8.65
CA LEU A 162 -11.69 -23.33 -9.08
C LEU A 162 -12.07 -22.16 -9.99
N ALA A 163 -12.12 -22.41 -11.28
CA ALA A 163 -12.36 -21.36 -12.27
C ALA A 163 -13.81 -21.52 -12.73
N CYS A 164 -14.59 -20.51 -12.42
CA CYS A 164 -16.02 -20.46 -12.61
C CYS A 164 -16.48 -19.48 -13.70
N VAL A 165 -16.71 -20.00 -14.90
CA VAL A 165 -17.34 -19.26 -15.97
C VAL A 165 -18.82 -19.11 -15.66
N VAL A 166 -19.35 -17.91 -15.56
CA VAL A 166 -20.69 -17.70 -15.10
C VAL A 166 -21.55 -17.34 -16.33
N PRO A 167 -22.45 -18.28 -16.80
CA PRO A 167 -23.33 -17.92 -17.95
C PRO A 167 -24.13 -16.65 -17.68
N GLY A 168 -24.13 -15.74 -18.62
CA GLY A 168 -24.88 -14.49 -18.41
C GLY A 168 -24.11 -13.35 -17.77
N LEU A 169 -22.85 -13.57 -17.35
CA LEU A 169 -22.10 -12.53 -16.60
C LEU A 169 -21.43 -11.53 -17.56
N SER A 170 -21.78 -10.28 -17.41
CA SER A 170 -21.17 -9.18 -18.17
C SER A 170 -19.98 -8.60 -17.37
N ALA A 171 -19.12 -7.85 -18.05
CA ALA A 171 -17.95 -7.13 -17.40
C ALA A 171 -18.41 -6.13 -16.37
N SER A 172 -19.55 -5.44 -16.63
CA SER A 172 -20.10 -4.51 -15.60
C SER A 172 -20.71 -5.24 -14.46
N ALA A 173 -21.46 -6.34 -14.69
CA ALA A 173 -21.99 -7.03 -13.53
C ALA A 173 -20.86 -7.64 -12.65
N LEU A 174 -19.82 -8.09 -13.32
CA LEU A 174 -18.63 -8.63 -12.63
C LEU A 174 -17.96 -7.56 -11.71
N ALA A 175 -17.76 -6.38 -12.23
CA ALA A 175 -17.19 -5.24 -11.48
C ALA A 175 -18.06 -4.84 -10.34
N ASP A 176 -19.36 -5.03 -10.49
CA ASP A 176 -20.29 -4.59 -9.44
C ASP A 176 -20.51 -5.62 -8.42
N MET A 177 -20.13 -6.91 -8.65
CA MET A 177 -20.35 -7.94 -7.58
C MET A 177 -19.67 -7.61 -6.28
N GLU A 178 -20.26 -8.02 -5.16
CA GLU A 178 -19.55 -7.98 -3.87
C GLU A 178 -18.94 -9.34 -3.75
N LEU A 179 -17.67 -9.36 -3.54
CA LEU A 179 -16.98 -10.60 -3.28
C LEU A 179 -16.71 -10.67 -1.81
N ARG A 180 -16.79 -11.91 -1.32
CA ARG A 180 -16.37 -12.32 -0.02
C ARG A 180 -15.69 -13.66 -0.17
N ALA A 181 -15.05 -14.13 0.87
CA ALA A 181 -14.35 -15.39 0.84
C ALA A 181 -15.31 -16.49 0.55
N PRO A 182 -14.95 -17.30 -0.43
CA PRO A 182 -15.90 -18.33 -0.80
C PRO A 182 -15.92 -19.54 0.12
N THR A 183 -17.06 -20.23 0.17
CA THR A 183 -17.12 -21.53 0.80
C THR A 183 -17.04 -22.52 -0.35
N PHE A 184 -16.36 -23.63 -0.08
CA PHE A 184 -16.05 -24.59 -1.12
C PHE A 184 -15.98 -25.97 -0.55
N ASP A 185 -15.77 -26.94 -1.40
CA ASP A 185 -15.70 -28.29 -0.97
C ASP A 185 -14.26 -28.62 -0.48
N GLN A 186 -14.16 -28.75 0.82
CA GLN A 186 -12.87 -28.97 1.45
C GLN A 186 -12.31 -30.40 1.24
N GLU A 187 -13.09 -31.36 0.76
CA GLU A 187 -12.54 -32.67 0.34
C GLU A 187 -11.90 -32.54 -1.03
N PHE A 188 -12.56 -31.79 -1.91
CA PHE A 188 -12.06 -31.57 -3.27
C PHE A 188 -10.78 -30.77 -3.19
N PHE A 189 -10.77 -29.77 -2.30
CA PHE A 189 -9.65 -28.77 -2.10
C PHE A 189 -9.21 -28.82 -0.64
N PRO A 190 -8.42 -29.85 -0.27
CA PRO A 190 -8.01 -29.94 1.17
C PRO A 190 -6.94 -28.97 1.58
N HIS A 191 -6.25 -28.35 0.63
CA HIS A 191 -5.29 -27.35 0.99
C HIS A 191 -5.76 -25.92 0.59
N GLY A 192 -7.07 -25.71 0.47
CA GLY A 192 -7.57 -24.42 0.04
C GLY A 192 -7.52 -24.26 -1.51
N VAL A 193 -8.05 -23.12 -1.95
CA VAL A 193 -8.25 -22.89 -3.38
C VAL A 193 -8.31 -21.39 -3.72
N ASN A 194 -7.76 -21.07 -4.88
CA ASN A 194 -7.90 -19.79 -5.52
C ASN A 194 -9.14 -19.84 -6.41
N VAL A 195 -10.10 -18.96 -6.18
CA VAL A 195 -11.36 -18.94 -6.93
C VAL A 195 -11.36 -17.80 -7.96
N GLU A 196 -11.59 -18.12 -9.23
CA GLU A 196 -11.80 -17.16 -10.30
C GLU A 196 -13.25 -17.16 -10.69
N ILE A 197 -13.78 -15.96 -10.82
CA ILE A 197 -15.16 -15.72 -11.31
C ILE A 197 -14.96 -15.08 -12.64
N VAL A 198 -15.50 -15.70 -13.67
CA VAL A 198 -15.07 -15.41 -15.05
C VAL A 198 -16.24 -15.22 -16.00
N THR A 199 -16.11 -14.27 -16.93
CA THR A 199 -17.13 -14.14 -17.97
C THR A 199 -16.99 -15.25 -19.00
N GLU A 200 -18.04 -15.44 -19.83
CA GLU A 200 -17.90 -16.32 -21.00
C GLU A 200 -17.03 -15.77 -22.11
N LEU A 201 -16.40 -16.65 -22.86
CA LEU A 201 -15.51 -16.22 -23.93
C LEU A 201 -16.33 -15.40 -24.98
N GLU A 202 -15.89 -14.18 -25.28
CA GLU A 202 -16.61 -13.30 -26.26
C GLU A 202 -15.52 -12.55 -26.98
N ASP A 203 -15.47 -12.65 -28.31
CA ASP A 203 -14.41 -12.07 -29.11
C ASP A 203 -13.01 -12.40 -28.54
N ASP A 204 -12.79 -13.68 -28.24
CA ASP A 204 -11.53 -14.23 -27.72
C ASP A 204 -11.05 -13.58 -26.41
N ALA A 205 -11.98 -13.13 -25.56
CA ALA A 205 -11.62 -12.46 -24.34
C ALA A 205 -12.61 -12.79 -23.27
N VAL A 206 -12.15 -12.66 -22.06
CA VAL A 206 -12.94 -12.70 -20.88
C VAL A 206 -12.41 -11.70 -19.85
N SER A 207 -13.24 -11.40 -18.86
CA SER A 207 -12.85 -10.75 -17.66
C SER A 207 -12.98 -11.69 -16.45
N MET A 208 -12.21 -11.39 -15.39
CA MET A 208 -12.07 -12.24 -14.16
C MET A 208 -11.82 -11.34 -12.97
N ARG A 209 -12.38 -11.79 -11.86
CA ARG A 209 -11.93 -11.46 -10.52
C ARG A 209 -11.53 -12.76 -9.80
N VAL A 210 -10.60 -12.60 -8.88
CA VAL A 210 -10.02 -13.70 -8.16
C VAL A 210 -9.91 -13.46 -6.66
N TRP A 211 -10.31 -14.45 -5.90
CA TRP A 211 -10.11 -14.53 -4.44
C TRP A 211 -9.01 -15.58 -4.23
N GLU A 212 -7.81 -15.08 -3.93
CA GLU A 212 -6.64 -15.91 -3.69
C GLU A 212 -6.64 -16.51 -2.30
N ARG A 213 -6.30 -17.76 -2.17
CA ARG A 213 -6.34 -18.35 -0.83
C ARG A 213 -5.37 -17.63 0.12
N GLY A 214 -5.84 -17.42 1.35
CA GLY A 214 -5.04 -16.80 2.36
C GLY A 214 -4.79 -15.33 2.20
N VAL A 215 -5.28 -14.69 1.12
CA VAL A 215 -4.95 -13.33 0.81
C VAL A 215 -6.22 -12.50 0.57
N GLY A 216 -7.20 -13.04 -0.17
CA GLY A 216 -8.44 -12.28 -0.49
C GLY A 216 -8.37 -11.85 -1.96
N GLU A 217 -9.11 -10.81 -2.31
CA GLU A 217 -9.13 -10.41 -3.75
C GLU A 217 -7.82 -9.76 -4.10
N THR A 218 -7.28 -10.04 -5.29
CA THR A 218 -6.06 -9.46 -5.73
C THR A 218 -6.26 -8.82 -7.10
N ARG A 219 -5.29 -8.01 -7.49
CA ARG A 219 -5.31 -7.33 -8.74
C ARG A 219 -5.11 -8.25 -9.90
N SER A 220 -4.34 -9.29 -9.64
CA SER A 220 -4.01 -10.24 -10.70
C SER A 220 -3.40 -11.49 -10.08
N CYS A 221 -3.75 -12.66 -10.59
CA CYS A 221 -3.20 -13.93 -10.20
C CYS A 221 -2.83 -14.60 -11.48
N GLY A 222 -1.55 -14.77 -11.73
CA GLY A 222 -1.09 -15.30 -13.04
C GLY A 222 -1.55 -16.72 -13.38
N THR A 223 -1.29 -17.67 -12.45
CA THR A 223 -1.80 -19.02 -12.59
C THR A 223 -3.35 -19.04 -12.76
N GLY A 224 -4.02 -18.18 -12.00
CA GLY A 224 -5.48 -18.01 -12.07
C GLY A 224 -5.99 -17.58 -13.45
N THR A 225 -5.26 -16.73 -14.14
CA THR A 225 -5.59 -16.33 -15.51
C THR A 225 -5.53 -17.53 -16.47
N VAL A 226 -4.55 -18.42 -16.25
CA VAL A 226 -4.45 -19.61 -17.07
C VAL A 226 -5.65 -20.57 -16.76
N ALA A 227 -5.97 -20.73 -15.48
CA ALA A 227 -7.13 -21.50 -15.11
C ALA A 227 -8.36 -20.95 -15.72
N ALA A 228 -8.54 -19.63 -15.64
CA ALA A 228 -9.75 -18.96 -16.19
C ALA A 228 -9.85 -19.16 -17.70
N ALA A 229 -8.74 -19.01 -18.38
CA ALA A 229 -8.75 -19.26 -19.83
C ALA A 229 -9.07 -20.71 -20.18
N CYS A 230 -8.52 -21.62 -19.40
CA CYS A 230 -8.90 -23.02 -19.48
C CYS A 230 -10.40 -23.25 -19.36
N ALA A 231 -11.02 -22.71 -18.32
CA ALA A 231 -12.41 -22.79 -18.14
C ALA A 231 -13.26 -22.07 -19.22
N ALA A 232 -12.79 -20.91 -19.68
CA ALA A 232 -13.49 -20.13 -20.76
C ALA A 232 -13.52 -21.00 -22.04
N LEU A 233 -12.38 -21.57 -22.37
CA LEU A 233 -12.25 -22.41 -23.57
C LEU A 233 -13.12 -23.67 -23.44
N ALA A 234 -13.07 -24.30 -22.27
CA ALA A 234 -13.95 -25.45 -21.99
C ALA A 234 -15.41 -25.12 -22.16
N ASP A 235 -15.88 -24.02 -21.58
CA ASP A 235 -17.27 -23.66 -21.65
C ASP A 235 -17.68 -23.38 -23.12
N ALA A 236 -16.77 -22.96 -23.95
CA ALA A 236 -17.04 -22.75 -25.37
C ALA A 236 -16.83 -24.01 -26.24
N GLY A 237 -16.58 -25.18 -25.64
CA GLY A 237 -16.31 -26.42 -26.41
C GLY A 237 -14.94 -26.59 -27.01
N LEU A 238 -13.95 -25.83 -26.56
CA LEU A 238 -12.66 -25.82 -27.20
C LEU A 238 -11.70 -26.41 -26.23
N GLY A 239 -10.71 -27.12 -26.74
CA GLY A 239 -9.63 -27.68 -25.92
C GLY A 239 -8.33 -26.88 -26.02
N GLU A 240 -8.24 -25.95 -26.99
CA GLU A 240 -7.02 -25.22 -27.27
C GLU A 240 -7.43 -23.87 -27.68
N GLY A 241 -6.57 -22.87 -27.50
CA GLY A 241 -6.84 -21.54 -28.02
C GLY A 241 -6.08 -20.45 -27.30
N THR A 242 -6.36 -19.23 -27.73
CA THR A 242 -5.75 -17.98 -27.20
C THR A 242 -6.83 -17.11 -26.66
N VAL A 243 -6.62 -16.67 -25.41
CA VAL A 243 -7.63 -15.94 -24.69
C VAL A 243 -7.00 -14.72 -24.09
N LYS A 244 -7.58 -13.55 -24.37
CA LYS A 244 -7.25 -12.34 -23.59
C LYS A 244 -7.96 -12.37 -22.25
N VAL A 245 -7.23 -12.22 -21.12
CA VAL A 245 -7.88 -12.28 -19.81
C VAL A 245 -7.73 -10.90 -19.21
N CYS A 246 -8.85 -10.24 -18.86
CA CYS A 246 -8.85 -8.90 -18.27
C CYS A 246 -9.04 -9.03 -16.77
N VAL A 247 -8.07 -8.53 -16.02
CA VAL A 247 -8.12 -8.57 -14.53
C VAL A 247 -8.09 -7.14 -14.01
N PRO A 248 -8.38 -6.92 -12.74
CA PRO A 248 -8.44 -5.52 -12.30
C PRO A 248 -7.08 -4.80 -12.50
N GLY A 249 -5.98 -5.53 -12.35
CA GLY A 249 -4.66 -4.98 -12.56
C GLY A 249 -4.21 -4.87 -13.99
N GLY A 250 -5.00 -5.27 -14.97
CA GLY A 250 -4.61 -5.09 -16.36
C GLY A 250 -5.10 -6.23 -17.24
N GLU A 251 -4.38 -6.51 -18.31
CA GLU A 251 -4.73 -7.54 -19.27
C GLU A 251 -3.56 -8.43 -19.59
N VAL A 252 -3.84 -9.71 -19.83
CA VAL A 252 -2.84 -10.67 -20.17
C VAL A 252 -3.40 -11.51 -21.33
N GLU A 253 -2.55 -12.27 -21.98
CA GLU A 253 -3.00 -13.21 -23.00
C GLU A 253 -2.49 -14.62 -22.64
N VAL A 254 -3.42 -15.56 -22.65
CA VAL A 254 -3.11 -16.91 -22.33
C VAL A 254 -3.24 -17.76 -23.60
N GLN A 255 -2.22 -18.56 -23.85
CA GLN A 255 -2.34 -19.65 -24.91
C GLN A 255 -2.39 -21.03 -24.24
N ILE A 256 -3.43 -21.82 -24.52
CA ILE A 256 -3.60 -23.22 -23.99
C ILE A 256 -3.38 -24.17 -25.21
N PHE A 257 -2.45 -25.05 -25.03
CA PHE A 257 -2.24 -26.21 -25.88
C PHE A 257 -2.48 -27.50 -25.10
N ASP A 258 -2.83 -28.55 -25.85
CA ASP A 258 -2.73 -29.98 -25.41
C ASP A 258 -1.67 -30.29 -24.38
N ASP A 259 -0.45 -29.85 -24.69
CA ASP A 259 0.76 -30.14 -23.94
C ASP A 259 1.50 -28.91 -23.28
N GLY A 260 0.78 -27.83 -23.00
CA GLY A 260 1.38 -26.73 -22.28
C GLY A 260 0.52 -25.51 -22.35
N SER A 261 1.07 -24.41 -21.79
CA SER A 261 0.38 -23.12 -21.83
C SER A 261 1.41 -22.05 -21.63
N THR A 262 1.05 -20.86 -22.11
CA THR A 262 1.82 -19.62 -21.92
C THR A 262 0.93 -18.49 -21.37
N LEU A 263 1.55 -17.66 -20.59
CA LEU A 263 1.00 -16.39 -20.06
C LEU A 263 1.92 -15.28 -20.56
N THR A 264 1.36 -14.38 -21.37
CA THR A 264 1.99 -13.18 -21.81
C THR A 264 1.33 -11.96 -21.16
N GLY A 265 2.18 -11.09 -20.61
CA GLY A 265 1.75 -9.90 -19.96
C GLY A 265 2.79 -8.85 -19.71
N PRO A 266 2.36 -7.72 -19.17
CA PRO A 266 3.25 -6.61 -18.94
C PRO A 266 4.04 -6.77 -17.65
N SER A 267 5.08 -5.97 -17.61
CA SER A 267 5.97 -5.75 -16.48
C SER A 267 6.31 -4.25 -16.48
N ALA A 268 6.34 -3.67 -15.31
CA ALA A 268 6.72 -2.30 -15.14
C ALA A 268 7.76 -2.15 -14.01
N ILE A 269 8.81 -1.38 -14.25
CA ILE A 269 9.78 -1.06 -13.22
C ILE A 269 9.65 0.44 -12.98
N ILE A 270 9.19 0.80 -11.78
CA ILE A 270 8.55 2.15 -11.46
C ILE A 270 9.60 3.04 -10.81
N ALA A 271 10.45 2.49 -9.92
CA ALA A 271 11.41 3.31 -9.14
C ALA A 271 12.64 2.53 -8.79
N LEU A 272 13.71 3.27 -8.57
CA LEU A 272 14.99 2.76 -8.08
C LEU A 272 15.44 3.59 -6.92
N GLY A 273 16.02 2.95 -5.93
CA GLY A 273 16.42 3.70 -4.73
C GLY A 273 17.25 2.92 -3.78
N GLU A 274 17.32 3.40 -2.56
CA GLU A 274 17.92 2.71 -1.49
C GLU A 274 17.06 2.87 -0.26
N VAL A 275 16.86 1.80 0.46
CA VAL A 275 15.96 1.81 1.59
C VAL A 275 16.72 1.44 2.86
N GLN A 276 16.39 2.04 3.98
CA GLN A 276 17.00 1.64 5.25
C GLN A 276 15.99 1.07 6.25
N ILE A 277 16.30 -0.15 6.70
CA ILE A 277 15.55 -1.13 7.52
C ILE A 277 16.21 -1.13 8.90
N HIS A 278 15.45 -1.02 10.00
CA HIS A 278 15.65 -1.93 11.25
C HIS A 278 15.83 -1.11 12.50
N MET B 1 7.39 13.94 -23.24
CA MET B 1 8.75 13.55 -22.76
C MET B 1 8.65 13.12 -21.27
N ASN B 2 9.29 12.02 -20.94
CA ASN B 2 9.30 11.52 -19.56
C ASN B 2 10.29 12.24 -18.70
N LEU B 3 10.06 12.14 -17.40
CA LEU B 3 10.71 12.99 -16.40
C LEU B 3 11.22 12.02 -15.38
N THR B 4 12.46 12.17 -14.98
CA THR B 4 12.92 11.40 -13.84
C THR B 4 12.94 12.33 -12.62
N ILE B 5 12.23 11.92 -11.56
CA ILE B 5 12.03 12.73 -10.36
C ILE B 5 12.70 12.02 -9.13
N PRO B 6 13.75 12.65 -8.57
CA PRO B 6 14.30 12.34 -7.26
C PRO B 6 13.19 12.46 -6.22
N PHE B 7 13.07 11.49 -5.35
CA PHE B 7 12.12 11.52 -4.26
C PHE B 7 12.68 10.89 -3.01
N ALA B 8 11.92 11.03 -1.92
CA ALA B 8 12.18 10.27 -0.72
C ALA B 8 10.84 9.71 -0.25
N LYS B 9 10.91 8.63 0.51
CA LYS B 9 9.72 8.08 1.18
C LYS B 9 9.90 8.17 2.69
N GLY B 10 8.86 8.64 3.37
CA GLY B 10 8.92 8.72 4.79
C GLY B 10 7.55 8.59 5.40
N HIS B 11 7.53 8.61 6.71
CA HIS B 11 6.18 8.57 7.36
C HIS B 11 6.27 9.25 8.72
N ALA B 12 5.09 9.65 9.27
CA ALA B 12 5.08 10.21 10.62
C ALA B 12 3.95 9.49 11.31
N THR B 13 4.33 8.62 12.22
CA THR B 13 3.41 7.64 12.83
C THR B 13 2.68 6.85 11.80
N GLU B 14 3.40 6.44 10.74
CA GLU B 14 2.87 5.60 9.67
C GLU B 14 1.77 6.17 8.84
N ASN B 15 1.65 7.49 8.91
CA ASN B 15 0.95 8.27 7.91
C ASN B 15 2.07 8.69 6.91
N ASP B 16 2.07 8.06 5.76
CA ASP B 16 3.26 8.03 4.86
C ASP B 16 3.15 8.95 3.66
N PHE B 17 4.30 9.46 3.18
CA PHE B 17 4.40 10.44 2.19
C PHE B 17 5.57 10.18 1.26
N ILE B 18 5.41 10.59 0.04
CA ILE B 18 6.44 10.79 -0.95
C ILE B 18 6.83 12.26 -0.90
N ILE B 19 8.10 12.50 -0.60
CA ILE B 19 8.65 13.85 -0.59
C ILE B 19 9.31 14.08 -1.94
N ILE B 20 8.96 15.17 -2.61
CA ILE B 20 9.52 15.56 -3.93
C ILE B 20 10.20 16.92 -3.79
N PRO B 21 11.51 16.91 -3.74
CA PRO B 21 12.27 18.21 -3.81
C PRO B 21 12.05 18.95 -5.10
N ASP B 22 11.72 20.25 -4.97
CA ASP B 22 11.54 21.12 -6.11
C ASP B 22 11.83 22.56 -5.72
N GLU B 23 12.99 22.74 -5.14
CA GLU B 23 13.42 24.05 -4.60
C GLU B 23 13.46 25.22 -5.59
N ASP B 24 13.68 24.93 -6.85
CA ASP B 24 13.54 25.92 -7.91
C ASP B 24 12.18 25.89 -8.61
N ALA B 25 11.17 25.13 -8.12
CA ALA B 25 9.82 25.23 -8.60
C ALA B 25 9.77 24.98 -10.05
N ARG B 26 10.42 23.89 -10.43
CA ARG B 26 10.40 23.45 -11.82
C ARG B 26 9.39 22.35 -12.18
N LEU B 27 8.71 21.74 -11.23
CA LEU B 27 7.90 20.61 -11.56
C LEU B 27 6.48 21.09 -11.54
N ASP B 28 5.73 20.82 -12.59
CA ASP B 28 4.27 21.03 -12.59
C ASP B 28 3.67 19.63 -12.23
N LEU B 29 3.37 19.45 -10.99
CA LEU B 29 2.88 18.17 -10.45
C LEU B 29 1.37 18.22 -10.49
N THR B 30 0.79 17.52 -11.45
CA THR B 30 -0.68 17.62 -11.63
C THR B 30 -1.43 16.60 -10.78
N PRO B 31 -2.75 16.83 -10.55
CA PRO B 31 -3.45 15.88 -9.75
C PRO B 31 -3.38 14.44 -10.26
N GLU B 32 -3.41 14.24 -11.55
CA GLU B 32 -3.31 12.87 -12.07
C GLU B 32 -1.95 12.21 -11.78
N MET B 33 -0.92 13.03 -11.84
CA MET B 33 0.49 12.58 -11.45
C MET B 33 0.53 12.17 -10.01
N VAL B 34 -0.08 12.96 -9.16
CA VAL B 34 -0.20 12.60 -7.73
C VAL B 34 -0.88 11.24 -7.61
N VAL B 35 -2.06 11.06 -8.22
CA VAL B 35 -2.77 9.82 -8.05
C VAL B 35 -1.91 8.55 -8.48
N THR B 36 -1.23 8.68 -9.61
CA THR B 36 -0.33 7.66 -10.15
C THR B 36 0.79 7.36 -9.17
N LEU B 37 1.45 8.40 -8.68
CA LEU B 37 2.58 8.21 -7.74
C LEU B 37 2.16 7.55 -6.45
N CYS B 38 0.99 7.95 -5.97
CA CYS B 38 0.53 7.44 -4.68
C CYS B 38 -0.18 6.09 -4.72
N ASP B 39 -0.45 5.58 -5.90
CA ASP B 39 -1.03 4.24 -6.03
C ASP B 39 -0.02 3.17 -5.55
N ARG B 40 -0.41 2.47 -4.49
CA ARG B 40 0.49 1.63 -3.79
C ARG B 40 0.98 0.44 -4.60
N ARG B 41 0.19 -0.04 -5.59
CA ARG B 41 0.61 -1.22 -6.37
C ARG B 41 1.18 -0.88 -7.71
N ALA B 42 0.69 0.20 -8.30
CA ALA B 42 1.13 0.63 -9.61
C ALA B 42 2.14 1.73 -9.52
N GLY B 43 2.26 2.37 -8.40
CA GLY B 43 3.20 3.49 -8.23
C GLY B 43 4.16 3.21 -7.04
N ILE B 44 4.54 4.27 -6.32
CA ILE B 44 5.36 4.17 -5.14
C ILE B 44 4.49 3.87 -3.94
N GLY B 45 3.43 4.63 -3.80
CA GLY B 45 2.40 4.35 -2.74
C GLY B 45 2.56 5.24 -1.53
N ALA B 46 1.49 5.97 -1.22
CA ALA B 46 1.54 6.83 -0.02
C ALA B 46 0.15 7.42 0.24
N ASP B 47 0.03 8.03 1.41
CA ASP B 47 -1.16 8.81 1.76
C ASP B 47 -1.16 10.17 1.09
N GLY B 48 -0.01 10.59 0.63
CA GLY B 48 0.18 11.88 0.03
C GLY B 48 1.59 12.23 -0.47
N ILE B 49 1.69 13.37 -1.10
CA ILE B 49 2.96 13.95 -1.61
C ILE B 49 3.22 15.24 -0.88
N LEU B 50 4.46 15.39 -0.41
CA LEU B 50 5.00 16.68 0.06
C LEU B 50 6.01 17.25 -0.91
N ARG B 51 5.61 18.25 -1.71
CA ARG B 51 6.52 18.90 -2.58
C ARG B 51 7.27 20.06 -1.84
N VAL B 52 8.63 20.10 -1.96
CA VAL B 52 9.48 21.00 -1.22
C VAL B 52 9.78 22.20 -2.09
N VAL B 53 9.14 23.31 -1.75
CA VAL B 53 9.09 24.51 -2.62
C VAL B 53 8.91 25.78 -1.76
N LYS B 54 9.45 26.88 -2.26
CA LYS B 54 9.28 28.19 -1.59
C LYS B 54 7.87 28.71 -1.78
N ALA B 55 7.35 29.37 -0.71
CA ALA B 55 6.02 29.97 -0.72
C ALA B 55 5.85 30.96 -1.84
N ALA B 56 6.93 31.65 -2.21
CA ALA B 56 6.89 32.60 -3.31
C ALA B 56 6.31 31.92 -4.53
N ASP B 57 6.60 30.61 -4.70
CA ASP B 57 6.29 29.93 -5.96
C ASP B 57 5.06 29.11 -5.93
N VAL B 58 4.35 29.13 -4.84
CA VAL B 58 3.11 28.45 -4.79
C VAL B 58 1.90 29.40 -5.04
N GLU B 59 1.15 29.05 -6.08
CA GLU B 59 -0.11 29.71 -6.46
C GLU B 59 -1.09 29.86 -5.31
N GLY B 60 -1.55 31.10 -5.11
CA GLY B 60 -2.48 31.41 -4.05
C GLY B 60 -1.81 31.51 -2.67
N SER B 61 -0.51 31.25 -2.53
CA SER B 61 0.08 31.43 -1.22
C SER B 61 0.22 32.96 -1.05
N THR B 62 -0.07 33.38 0.15
CA THR B 62 0.16 34.76 0.59
C THR B 62 0.80 34.86 1.96
N VAL B 63 1.29 33.73 2.51
CA VAL B 63 2.20 33.77 3.64
C VAL B 63 3.54 34.40 3.23
N ASP B 64 4.35 34.76 4.19
CA ASP B 64 5.71 35.27 3.93
C ASP B 64 6.42 34.52 2.78
N PRO B 65 6.69 35.17 1.66
CA PRO B 65 7.11 34.39 0.49
C PRO B 65 8.47 33.70 0.61
N SER B 66 9.23 34.02 1.64
CA SER B 66 10.53 33.48 1.83
C SER B 66 10.48 32.15 2.63
N LEU B 67 9.33 31.72 3.19
CA LEU B 67 9.27 30.45 3.92
C LEU B 67 9.30 29.29 2.94
N TRP B 68 9.79 28.14 3.41
CA TRP B 68 9.46 26.87 2.75
C TRP B 68 7.93 26.60 2.92
N PHE B 69 7.32 26.05 1.88
CA PHE B 69 5.91 25.77 1.85
C PHE B 69 5.70 24.26 1.62
N MET B 70 5.04 23.63 2.59
CA MET B 70 4.60 22.24 2.46
C MET B 70 3.51 22.19 1.40
N ASP B 71 3.93 21.99 0.16
CA ASP B 71 3.01 21.83 -0.91
C ASP B 71 2.46 20.38 -0.84
N TYR B 72 1.50 20.25 0.02
CA TYR B 72 0.89 18.98 0.35
C TYR B 72 -0.24 18.59 -0.61
N ARG B 73 -0.16 17.39 -1.12
CA ARG B 73 -1.23 16.77 -1.94
C ARG B 73 -1.63 15.44 -1.28
N ASN B 74 -2.91 15.27 -1.10
CA ASN B 74 -3.49 13.96 -0.67
C ASN B 74 -3.33 12.94 -1.83
N ALA B 75 -3.41 11.64 -1.55
CA ALA B 75 -3.18 10.60 -2.62
C ALA B 75 -4.21 10.69 -3.79
N ASP B 76 -5.39 11.26 -3.51
CA ASP B 76 -6.37 11.56 -4.63
C ASP B 76 -6.09 12.86 -5.39
N GLY B 77 -5.02 13.58 -5.04
CA GLY B 77 -4.69 14.84 -5.67
C GLY B 77 -5.05 16.09 -4.92
N SER B 78 -5.93 15.99 -3.92
CA SER B 78 -6.52 17.19 -3.37
C SER B 78 -5.59 17.92 -2.40
N LEU B 79 -5.88 19.20 -2.23
CA LEU B 79 -5.03 20.11 -1.57
C LEU B 79 -5.32 20.15 -0.06
N ALA B 80 -6.55 20.05 0.38
CA ALA B 80 -6.90 20.11 1.83
C ALA B 80 -6.26 18.98 2.70
N GLU B 81 -5.39 19.33 3.65
CA GLU B 81 -4.87 18.31 4.64
C GLU B 81 -5.73 18.33 5.89
N MET B 82 -6.11 17.13 6.32
CA MET B 82 -6.84 16.89 7.56
C MET B 82 -6.00 16.65 8.86
N CYS B 83 -5.05 15.69 8.89
CA CYS B 83 -4.48 15.20 10.19
C CYS B 83 -3.31 15.89 10.69
N GLY B 84 -2.52 16.59 9.86
CA GLY B 84 -1.39 17.39 10.34
C GLY B 84 -0.07 16.66 10.56
N ASN B 85 0.01 15.32 10.39
CA ASN B 85 1.27 14.52 10.55
C ASN B 85 2.37 14.90 9.53
N GLY B 86 1.95 15.23 8.33
CA GLY B 86 2.84 15.62 7.22
C GLY B 86 3.85 16.70 7.61
N VAL B 87 3.38 17.66 8.41
CA VAL B 87 4.22 18.75 8.93
C VAL B 87 5.45 18.24 9.66
N ARG B 88 5.37 17.15 10.42
CA ARG B 88 6.55 16.68 11.12
C ARG B 88 7.57 16.17 10.12
N LEU B 89 7.06 15.43 9.13
CA LEU B 89 7.99 14.87 8.16
C LEU B 89 8.61 15.95 7.35
N PHE B 90 7.79 16.91 6.92
CA PHE B 90 8.29 18.08 6.17
C PHE B 90 9.40 18.80 6.96
N ALA B 91 9.16 19.01 8.26
CA ALA B 91 10.13 19.71 9.10
C ALA B 91 11.44 18.92 9.19
N HIS B 92 11.31 17.61 9.35
CA HIS B 92 12.42 16.73 9.48
C HIS B 92 13.26 16.79 8.20
N TRP B 93 12.58 16.79 7.06
CA TRP B 93 13.31 16.87 5.77
C TRP B 93 14.13 18.21 5.68
N LEU B 94 13.42 19.28 5.92
CA LEU B 94 13.98 20.61 5.80
C LEU B 94 15.22 20.79 6.72
N TYR B 95 15.11 20.33 7.93
CA TYR B 95 16.18 20.43 8.91
C TYR B 95 17.33 19.53 8.55
N SER B 96 17.04 18.24 8.36
CA SER B 96 18.07 17.30 8.13
C SER B 96 18.79 17.58 6.78
N ARG B 97 18.15 18.21 5.83
CA ARG B 97 18.84 18.49 4.58
C ARG B 97 19.52 19.88 4.54
N GLY B 98 19.51 20.58 5.66
CA GLY B 98 20.18 21.91 5.78
C GLY B 98 19.48 23.03 5.09
N LEU B 99 18.18 22.92 4.83
CA LEU B 99 17.45 23.96 4.10
C LEU B 99 16.93 25.02 5.05
N VAL B 100 17.00 24.76 6.34
CA VAL B 100 16.81 25.75 7.33
C VAL B 100 18.04 25.65 8.26
N ASP B 101 18.31 26.66 9.08
CA ASP B 101 19.56 26.65 9.90
C ASP B 101 19.23 26.89 11.35
N ASN B 102 18.06 26.45 11.77
CA ASN B 102 17.65 26.57 13.18
C ASN B 102 16.71 25.41 13.48
N THR B 103 16.77 24.85 14.70
CA THR B 103 15.82 23.87 15.13
C THR B 103 14.39 24.44 15.34
N SER B 104 14.24 25.77 15.44
CA SER B 104 12.96 26.40 15.59
C SER B 104 12.65 27.24 14.34
N PHE B 105 11.55 26.92 13.64
CA PHE B 105 11.25 27.63 12.40
C PHE B 105 9.75 27.50 12.03
N ASP B 106 9.37 28.29 11.03
CA ASP B 106 8.06 28.30 10.46
C ASP B 106 7.98 27.68 9.08
N ILE B 107 6.86 27.05 8.79
CA ILE B 107 6.58 26.44 7.50
C ILE B 107 5.26 26.99 6.96
N GLY B 108 5.27 27.36 5.69
CA GLY B 108 4.05 27.75 5.01
C GLY B 108 3.19 26.54 4.68
N THR B 109 1.85 26.67 4.85
CA THR B 109 0.85 25.57 4.50
C THR B 109 -0.40 26.23 4.01
N ARG B 110 -1.25 25.46 3.31
CA ARG B 110 -2.51 25.97 2.80
C ARG B 110 -3.44 26.37 3.96
N ALA B 111 -3.21 25.80 5.12
CA ALA B 111 -3.96 26.12 6.32
C ALA B 111 -3.20 27.17 7.17
N GLY B 112 -2.33 27.98 6.56
CA GLY B 112 -1.55 29.01 7.28
C GLY B 112 -0.18 28.57 7.78
N VAL B 113 0.53 29.53 8.39
CA VAL B 113 1.89 29.32 8.85
C VAL B 113 1.88 28.38 10.01
N ARG B 114 2.78 27.39 10.02
CA ARG B 114 2.93 26.53 11.19
C ARG B 114 4.30 26.62 11.78
N HIS B 115 4.35 26.62 13.09
CA HIS B 115 5.58 26.76 13.86
C HIS B 115 5.99 25.38 14.34
N VAL B 116 7.25 25.03 14.08
CA VAL B 116 7.83 23.76 14.55
C VAL B 116 9.12 23.92 15.33
N ASP B 117 9.40 22.90 16.16
CA ASP B 117 10.69 22.72 16.83
C ASP B 117 11.15 21.28 16.65
N ILE B 118 12.37 21.14 16.16
CA ILE B 118 13.05 19.89 16.09
C ILE B 118 13.70 19.62 17.41
N LEU B 119 13.23 18.61 18.07
CA LEU B 119 13.79 18.20 19.35
C LEU B 119 14.99 17.30 19.11
N GLN B 120 14.94 16.43 18.09
CA GLN B 120 16.14 15.71 17.62
C GLN B 120 15.98 15.26 16.17
N ALA B 121 17.07 15.21 15.43
CA ALA B 121 16.98 14.71 14.06
C ALA B 121 18.27 14.15 13.59
N ASP B 122 18.22 13.11 12.75
CA ASP B 122 19.32 12.81 11.85
C ASP B 122 18.71 12.58 10.44
N GLN B 123 19.46 12.00 9.51
CA GLN B 123 18.98 11.79 8.16
C GLN B 123 17.79 10.85 8.01
N HIS B 124 17.56 10.06 9.06
CA HIS B 124 16.68 8.94 9.10
C HIS B 124 15.50 9.13 9.99
N SER B 125 15.71 9.78 11.15
CA SER B 125 14.69 9.84 12.23
C SER B 125 14.65 11.20 12.86
N ALA B 126 13.50 11.54 13.47
CA ALA B 126 13.38 12.79 14.15
C ALA B 126 12.22 12.76 15.17
N GLN B 127 12.30 13.68 16.14
CA GLN B 127 11.21 14.00 17.07
C GLN B 127 10.95 15.50 16.84
N VAL B 128 9.69 15.80 16.54
CA VAL B 128 9.34 17.12 16.11
C VAL B 128 8.14 17.58 16.93
N ARG B 129 8.17 18.82 17.41
CA ARG B 129 7.00 19.43 18.08
C ARG B 129 6.39 20.45 17.16
N VAL B 130 5.08 20.37 17.02
CA VAL B 130 4.33 21.22 16.17
C VAL B 130 3.29 21.99 16.99
N ASP B 131 3.19 23.30 16.77
CA ASP B 131 2.07 24.11 17.26
C ASP B 131 0.81 23.78 16.50
N MET B 132 -0.14 23.17 17.18
CA MET B 132 -1.39 22.71 16.55
C MET B 132 -2.55 23.73 16.68
N GLY B 133 -2.38 24.89 17.33
CA GLY B 133 -3.45 25.91 17.35
C GLY B 133 -4.41 25.67 18.53
N ILE B 134 -5.50 26.43 18.58
CA ILE B 134 -6.42 26.42 19.74
C ILE B 134 -7.48 25.36 19.42
N PRO B 135 -7.53 24.28 20.20
CA PRO B 135 -8.67 23.38 19.87
C PRO B 135 -10.02 24.11 20.11
N ASP B 136 -11.00 23.91 19.23
CA ASP B 136 -12.33 24.49 19.40
C ASP B 136 -13.26 23.41 19.94
N VAL B 137 -13.42 23.38 21.26
CA VAL B 137 -14.30 22.37 21.87
C VAL B 137 -15.75 22.69 21.56
N THR B 138 -16.46 21.79 20.91
CA THR B 138 -17.85 22.03 20.51
C THR B 138 -18.90 21.33 21.38
N GLY B 139 -18.52 20.47 22.31
CA GLY B 139 -19.47 19.91 23.30
C GLY B 139 -19.74 18.43 23.21
N LEU B 140 -20.46 17.97 24.21
CA LEU B 140 -20.76 16.56 24.33
C LEU B 140 -21.66 16.04 23.21
N SER B 141 -21.41 14.79 22.81
CA SER B 141 -22.27 14.14 21.87
C SER B 141 -22.10 12.66 21.95
N THR B 142 -22.71 11.92 21.00
CA THR B 142 -22.52 10.48 21.03
C THR B 142 -22.37 9.98 19.56
N CYS B 143 -21.94 8.73 19.48
CA CYS B 143 -21.98 7.99 18.23
C CYS B 143 -22.28 6.57 18.63
N ASP B 144 -22.65 5.76 17.64
CA ASP B 144 -22.88 4.29 17.80
C ASP B 144 -21.84 3.59 16.90
N ILE B 145 -21.12 2.65 17.46
CA ILE B 145 -20.34 1.78 16.63
C ILE B 145 -20.78 0.36 16.90
N ASN B 146 -21.42 -0.19 15.86
CA ASN B 146 -21.62 -1.62 15.75
C ASN B 146 -22.54 -2.03 16.92
N GLY B 147 -23.59 -1.23 17.11
CA GLY B 147 -24.53 -1.40 18.22
C GLY B 147 -24.23 -0.87 19.62
N GLN B 148 -23.01 -0.39 19.90
CA GLN B 148 -22.70 0.26 21.19
C GLN B 148 -22.67 1.77 21.08
N VAL B 149 -23.33 2.43 22.05
CA VAL B 149 -23.35 3.90 22.15
C VAL B 149 -22.14 4.33 22.97
N PHE B 150 -21.51 5.42 22.52
CA PHE B 150 -20.36 6.06 23.22
C PHE B 150 -20.55 7.58 23.32
N ALA B 151 -20.37 8.08 24.56
CA ALA B 151 -20.28 9.52 24.79
C ALA B 151 -18.90 10.03 24.23
N GLY B 152 -18.84 11.23 23.73
CA GLY B 152 -17.54 11.84 23.55
C GLY B 152 -17.64 13.33 23.48
N LEU B 153 -16.48 13.96 23.37
CA LEU B 153 -16.37 15.41 23.26
C LEU B 153 -16.04 15.79 21.81
N GLY B 154 -16.86 16.65 21.25
CA GLY B 154 -16.63 17.27 19.99
C GLY B 154 -15.53 18.28 20.08
N VAL B 155 -14.58 18.18 19.14
CA VAL B 155 -13.52 19.12 19.01
C VAL B 155 -13.33 19.42 17.49
N ASP B 156 -13.33 20.69 17.13
CA ASP B 156 -13.05 21.10 15.75
C ASP B 156 -11.57 21.54 15.77
N MET B 157 -10.70 20.89 15.01
CA MET B 157 -9.26 21.30 15.00
C MET B 157 -8.87 21.88 13.64
N GLY B 158 -9.91 22.27 12.90
CA GLY B 158 -9.84 22.55 11.50
C GLY B 158 -10.83 21.67 10.80
N ASN B 159 -10.95 20.43 11.24
CA ASN B 159 -12.02 19.56 10.73
C ASN B 159 -12.69 18.97 11.97
N PRO B 160 -13.91 18.42 11.84
CA PRO B 160 -14.60 17.95 13.05
C PRO B 160 -14.15 16.57 13.57
N HIS B 161 -14.06 16.48 14.92
CA HIS B 161 -13.78 15.25 15.63
C HIS B 161 -14.82 15.02 16.68
N LEU B 162 -15.04 13.77 17.00
CA LEU B 162 -15.75 13.34 18.21
C LEU B 162 -14.83 12.34 18.86
N ALA B 163 -14.22 12.73 19.95
CA ALA B 163 -13.36 11.85 20.71
C ALA B 163 -14.09 11.26 21.88
N CYS B 164 -14.23 9.95 21.89
CA CYS B 164 -15.01 9.20 22.84
C CYS B 164 -14.08 8.48 23.75
N VAL B 165 -14.00 9.00 24.98
CA VAL B 165 -13.22 8.40 26.04
C VAL B 165 -14.10 7.43 26.74
N VAL B 166 -13.66 6.20 26.87
CA VAL B 166 -14.53 5.09 27.32
C VAL B 166 -14.05 4.59 28.70
N PRO B 167 -14.73 5.04 29.80
CA PRO B 167 -14.33 4.50 31.14
C PRO B 167 -14.44 2.96 31.17
N GLY B 168 -13.45 2.31 31.76
CA GLY B 168 -13.41 0.86 31.83
C GLY B 168 -12.69 0.13 30.68
N LEU B 169 -12.46 0.81 29.55
CA LEU B 169 -11.92 0.17 28.34
C LEU B 169 -10.42 0.11 28.45
N SER B 170 -9.84 -1.09 28.50
CA SER B 170 -8.38 -1.27 28.52
C SER B 170 -7.77 -1.12 27.08
N ALA B 171 -6.46 -0.97 27.01
CA ALA B 171 -5.70 -0.92 25.75
C ALA B 171 -5.91 -2.21 24.94
N SER B 172 -5.83 -3.37 25.60
CA SER B 172 -6.16 -4.68 24.96
C SER B 172 -7.55 -4.72 24.43
N ALA B 173 -8.51 -4.37 25.28
CA ALA B 173 -9.91 -4.33 24.83
C ALA B 173 -10.08 -3.36 23.63
N LEU B 174 -9.38 -2.24 23.66
CA LEU B 174 -9.50 -1.32 22.54
C LEU B 174 -8.99 -1.97 21.25
N ALA B 175 -7.84 -2.62 21.34
CA ALA B 175 -7.27 -3.30 20.14
C ALA B 175 -8.15 -4.43 19.64
N ASP B 176 -8.87 -5.13 20.53
CA ASP B 176 -9.74 -6.21 20.07
C ASP B 176 -11.06 -5.71 19.52
N MET B 177 -11.45 -4.49 19.82
CA MET B 177 -12.74 -3.97 19.35
C MET B 177 -12.83 -4.10 17.85
N GLU B 178 -14.01 -4.37 17.32
CA GLU B 178 -14.19 -4.40 15.91
C GLU B 178 -14.85 -3.14 15.50
N LEU B 179 -14.10 -2.27 14.86
CA LEU B 179 -14.68 -1.00 14.40
C LEU B 179 -15.48 -1.15 13.13
N ARG B 180 -16.46 -0.28 12.97
CA ARG B 180 -17.14 -0.03 11.70
C ARG B 180 -17.42 1.44 11.70
N ALA B 181 -17.86 1.92 10.54
CA ALA B 181 -18.19 3.33 10.32
C ALA B 181 -19.21 3.79 11.36
N PRO B 182 -18.85 4.76 12.20
CA PRO B 182 -19.77 5.14 13.26
C PRO B 182 -21.05 5.80 12.73
N THR B 183 -22.18 5.59 13.41
CA THR B 183 -23.34 6.48 13.14
C THR B 183 -23.32 7.47 14.29
N PHE B 184 -23.80 8.66 13.99
CA PHE B 184 -23.65 9.77 14.87
C PHE B 184 -24.83 10.70 14.64
N ASP B 185 -24.93 11.67 15.54
CA ASP B 185 -25.97 12.63 15.47
C ASP B 185 -25.64 13.51 14.25
N GLN B 186 -26.46 13.40 13.20
CA GLN B 186 -26.33 14.20 11.96
C GLN B 186 -26.69 15.67 12.17
N GLU B 187 -27.52 15.98 13.17
CA GLU B 187 -27.81 17.40 13.50
C GLU B 187 -26.47 18.08 13.92
N PHE B 188 -25.80 17.46 14.90
CA PHE B 188 -24.52 17.98 15.45
C PHE B 188 -23.39 17.91 14.35
N PHE B 189 -23.36 16.82 13.60
CA PHE B 189 -22.35 16.67 12.54
C PHE B 189 -23.10 16.48 11.19
N PRO B 190 -23.59 17.59 10.58
CA PRO B 190 -24.42 17.42 9.36
C PRO B 190 -23.64 16.89 8.11
N HIS B 191 -22.30 16.87 8.19
CA HIS B 191 -21.41 16.43 7.09
C HIS B 191 -20.37 15.46 7.60
N GLY B 192 -20.75 14.64 8.60
CA GLY B 192 -19.85 13.63 9.15
C GLY B 192 -18.71 14.17 10.01
N VAL B 193 -17.97 13.21 10.53
CA VAL B 193 -17.01 13.50 11.58
C VAL B 193 -15.99 12.39 11.70
N ASN B 194 -14.81 12.77 12.14
CA ASN B 194 -13.77 11.81 12.48
C ASN B 194 -13.96 11.33 13.90
N VAL B 195 -13.93 10.03 14.15
CA VAL B 195 -14.25 9.53 15.48
C VAL B 195 -13.04 8.85 16.06
N GLU B 196 -12.71 9.30 17.24
CA GLU B 196 -11.68 8.63 18.02
C GLU B 196 -12.31 7.84 19.17
N ILE B 197 -11.80 6.66 19.39
CA ILE B 197 -12.21 5.85 20.55
C ILE B 197 -10.96 5.78 21.34
N VAL B 198 -11.04 6.17 22.60
CA VAL B 198 -9.90 6.47 23.43
C VAL B 198 -10.07 5.88 24.83
N THR B 199 -9.00 5.38 25.40
CA THR B 199 -9.04 4.92 26.80
C THR B 199 -8.89 6.09 27.74
N GLU B 200 -9.21 5.84 29.05
CA GLU B 200 -9.03 6.88 30.05
C GLU B 200 -7.62 7.11 30.47
N LEU B 201 -7.34 8.34 30.91
CA LEU B 201 -5.97 8.66 31.27
C LEU B 201 -5.51 7.66 32.29
N GLU B 202 -4.32 7.15 32.09
CA GLU B 202 -3.63 6.33 33.09
C GLU B 202 -2.16 6.60 32.92
N ASP B 203 -1.48 6.99 33.99
CA ASP B 203 -0.05 7.36 33.91
C ASP B 203 0.17 8.44 32.85
N ASP B 204 -0.77 9.37 32.76
CA ASP B 204 -0.72 10.46 31.77
C ASP B 204 -0.69 9.98 30.30
N ALA B 205 -1.25 8.80 30.05
CA ALA B 205 -1.29 8.18 28.71
C ALA B 205 -2.67 7.68 28.42
N VAL B 206 -3.02 7.67 27.14
CA VAL B 206 -4.19 6.98 26.60
C VAL B 206 -3.81 6.20 25.33
N SER B 207 -4.62 5.21 24.97
CA SER B 207 -4.65 4.57 23.64
C SER B 207 -5.89 4.97 22.87
N MET B 208 -5.72 5.10 21.55
CA MET B 208 -6.71 5.62 20.63
C MET B 208 -6.76 4.81 19.34
N ARG B 209 -7.96 4.61 18.81
CA ARG B 209 -8.11 4.25 17.38
C ARG B 209 -8.97 5.34 16.78
N VAL B 210 -8.92 5.48 15.47
CA VAL B 210 -9.57 6.56 14.77
C VAL B 210 -10.18 6.09 13.44
N TRP B 211 -11.45 6.43 13.25
CA TRP B 211 -12.17 6.19 12.00
C TRP B 211 -12.26 7.58 11.39
N GLU B 212 -11.46 7.83 10.36
CA GLU B 212 -11.47 9.09 9.67
C GLU B 212 -12.59 9.18 8.65
N ARG B 213 -13.16 10.36 8.54
CA ARG B 213 -14.35 10.57 7.75
C ARG B 213 -14.11 10.22 6.27
N GLY B 214 -14.97 9.35 5.70
CA GLY B 214 -14.80 8.85 4.32
C GLY B 214 -13.47 8.14 4.01
N VAL B 215 -12.80 7.60 5.03
CA VAL B 215 -11.54 6.89 4.90
C VAL B 215 -11.62 5.60 5.60
N GLY B 216 -12.04 5.60 6.86
CA GLY B 216 -12.03 4.36 7.63
C GLY B 216 -10.88 4.49 8.58
N GLU B 217 -10.49 3.36 9.16
CA GLU B 217 -9.54 3.38 10.24
C GLU B 217 -8.16 3.67 9.68
N THR B 218 -7.39 4.48 10.40
CA THR B 218 -6.05 4.83 9.91
C THR B 218 -5.09 4.59 11.07
N ARG B 219 -3.83 4.69 10.74
CA ARG B 219 -2.80 4.37 11.64
C ARG B 219 -2.62 5.48 12.63
N SER B 220 -2.95 6.70 12.21
CA SER B 220 -2.68 7.85 12.99
C SER B 220 -3.48 9.01 12.44
N CYS B 221 -3.74 10.00 13.27
CA CYS B 221 -4.36 11.26 12.83
C CYS B 221 -3.89 12.27 13.82
N GLY B 222 -2.90 13.09 13.46
CA GLY B 222 -2.35 14.13 14.34
C GLY B 222 -3.46 14.99 14.99
N THR B 223 -4.33 15.64 14.21
CA THR B 223 -5.39 16.45 14.80
C THR B 223 -6.29 15.63 15.74
N GLY B 224 -6.55 14.39 15.36
CA GLY B 224 -7.28 13.41 16.14
C GLY B 224 -6.69 13.14 17.49
N THR B 225 -5.37 13.06 17.55
CA THR B 225 -4.72 12.86 18.83
C THR B 225 -4.88 14.09 19.76
N VAL B 226 -4.93 15.29 19.19
CA VAL B 226 -5.16 16.51 20.00
C VAL B 226 -6.59 16.49 20.57
N ALA B 227 -7.56 16.11 19.74
CA ALA B 227 -8.94 16.01 20.22
C ALA B 227 -9.04 14.96 21.30
N ALA B 228 -8.32 13.86 21.13
CA ALA B 228 -8.33 12.79 22.09
C ALA B 228 -7.81 13.27 23.43
N ALA B 229 -6.79 14.13 23.41
CA ALA B 229 -6.16 14.60 24.63
C ALA B 229 -7.16 15.55 25.33
N CYS B 230 -7.86 16.36 24.58
CA CYS B 230 -8.84 17.30 25.10
C CYS B 230 -9.93 16.53 25.77
N ALA B 231 -10.36 15.47 25.10
CA ALA B 231 -11.36 14.60 25.63
C ALA B 231 -10.94 13.80 26.84
N ALA B 232 -9.71 13.32 26.88
CA ALA B 232 -9.25 12.56 28.00
C ALA B 232 -9.14 13.44 29.28
N LEU B 233 -8.70 14.67 29.06
CA LEU B 233 -8.61 15.68 30.10
C LEU B 233 -10.01 15.99 30.64
N ALA B 234 -10.93 16.33 29.75
CA ALA B 234 -12.33 16.60 30.14
C ALA B 234 -12.94 15.42 30.89
N ASP B 235 -12.65 14.19 30.44
CA ASP B 235 -13.15 12.98 31.11
C ASP B 235 -12.65 12.89 32.53
N ALA B 236 -11.48 13.49 32.81
CA ALA B 236 -10.88 13.51 34.15
C ALA B 236 -11.18 14.82 34.94
N GLY B 237 -12.02 15.70 34.42
CA GLY B 237 -12.34 16.96 35.05
C GLY B 237 -11.33 18.07 34.81
N LEU B 238 -10.52 17.96 33.75
CA LEU B 238 -9.37 18.88 33.48
C LEU B 238 -9.53 19.63 32.15
N GLY B 239 -8.99 20.85 32.10
CA GLY B 239 -9.00 21.70 30.88
C GLY B 239 -7.62 21.76 30.19
N GLU B 240 -6.55 21.44 30.92
CA GLU B 240 -5.13 21.62 30.49
C GLU B 240 -4.28 20.45 31.06
N GLY B 241 -3.22 20.09 30.32
CA GLY B 241 -2.41 18.94 30.67
C GLY B 241 -1.54 18.43 29.52
N THR B 242 -0.70 17.47 29.84
CA THR B 242 0.20 16.80 28.90
C THR B 242 -0.18 15.35 28.83
N VAL B 243 -0.51 14.85 27.62
CA VAL B 243 -1.01 13.49 27.44
C VAL B 243 -0.24 12.69 26.36
N LYS B 244 0.32 11.55 26.72
CA LYS B 244 0.93 10.66 25.75
C LYS B 244 -0.21 9.87 25.08
N VAL B 245 -0.27 9.87 23.74
CA VAL B 245 -1.37 9.20 23.01
C VAL B 245 -0.75 8.10 22.15
N CYS B 246 -1.23 6.86 22.34
CA CYS B 246 -0.73 5.67 21.65
C CYS B 246 -1.75 5.31 20.59
N VAL B 247 -1.31 5.42 19.33
CA VAL B 247 -2.08 5.03 18.16
C VAL B 247 -1.46 3.79 17.46
N PRO B 248 -2.21 3.12 16.58
CA PRO B 248 -1.54 1.97 15.92
C PRO B 248 -0.20 2.29 15.20
N GLY B 249 -0.05 3.50 14.65
CA GLY B 249 1.19 3.93 14.02
C GLY B 249 2.34 4.40 14.90
N GLY B 250 2.13 4.46 16.22
CA GLY B 250 3.20 4.75 17.19
C GLY B 250 2.67 5.59 18.36
N GLU B 251 3.49 6.51 18.85
CA GLU B 251 3.19 7.26 20.06
C GLU B 251 3.53 8.70 19.84
N VAL B 252 2.64 9.58 20.30
CA VAL B 252 2.88 10.99 20.27
C VAL B 252 2.59 11.56 21.67
N GLU B 253 2.97 12.80 21.89
CA GLU B 253 2.70 13.57 23.15
C GLU B 253 1.99 14.88 22.84
N VAL B 254 0.78 15.03 23.38
CA VAL B 254 0.00 16.23 23.18
C VAL B 254 0.09 17.09 24.45
N GLN B 255 0.21 18.39 24.27
CA GLN B 255 0.06 19.37 25.39
C GLN B 255 -1.04 20.32 25.08
N ILE B 256 -1.98 20.40 26.02
CA ILE B 256 -3.14 21.30 25.93
C ILE B 256 -2.88 22.40 26.96
N PHE B 257 -2.83 23.63 26.46
CA PHE B 257 -2.70 24.85 27.24
C PHE B 257 -4.09 25.51 27.19
N ASP B 258 -4.34 26.51 28.05
CA ASP B 258 -5.65 27.21 28.00
C ASP B 258 -5.86 28.03 26.70
N ASP B 259 -4.75 28.38 26.06
CA ASP B 259 -4.75 29.21 24.85
C ASP B 259 -4.13 28.52 23.57
N GLY B 260 -3.77 27.25 23.63
CA GLY B 260 -3.15 26.60 22.45
C GLY B 260 -2.86 25.13 22.70
N SER B 261 -2.13 24.49 21.77
CA SER B 261 -1.77 23.09 21.91
C SER B 261 -0.56 22.74 21.07
N THR B 262 0.16 21.73 21.53
CA THR B 262 1.25 21.18 20.73
C THR B 262 1.13 19.67 20.60
N LEU B 263 1.73 19.14 19.57
CA LEU B 263 1.83 17.67 19.33
C LEU B 263 3.27 17.38 19.01
N THR B 264 3.89 16.50 19.75
CA THR B 264 5.24 16.10 19.53
C THR B 264 5.21 14.64 19.11
N GLY B 265 5.93 14.30 18.05
CA GLY B 265 5.90 12.95 17.55
C GLY B 265 7.05 12.63 16.60
N PRO B 266 7.11 11.37 16.20
CA PRO B 266 8.23 10.93 15.40
C PRO B 266 8.02 11.21 13.90
N SER B 267 9.17 11.24 13.21
CA SER B 267 9.21 11.30 11.75
C SER B 267 10.28 10.25 11.32
N ALA B 268 10.08 9.57 10.19
CA ALA B 268 11.09 8.68 9.64
C ALA B 268 11.22 8.91 8.14
N ILE B 269 12.45 8.93 7.65
CA ILE B 269 12.77 9.02 6.22
C ILE B 269 13.42 7.70 5.91
N ILE B 270 12.70 6.86 5.19
CA ILE B 270 13.12 5.50 5.04
C ILE B 270 13.77 5.16 3.68
N ALA B 271 13.59 5.96 2.67
CA ALA B 271 14.23 5.72 1.38
C ALA B 271 14.43 6.90 0.57
N LEU B 272 15.40 6.79 -0.36
CA LEU B 272 15.76 7.78 -1.29
C LEU B 272 15.83 7.15 -2.64
N GLY B 273 15.32 7.84 -3.64
CA GLY B 273 15.42 7.30 -4.99
C GLY B 273 14.96 8.16 -6.12
N GLU B 274 14.68 7.48 -7.25
CA GLU B 274 14.15 8.16 -8.42
C GLU B 274 13.03 7.41 -9.04
N VAL B 275 12.09 8.16 -9.56
CA VAL B 275 10.90 7.60 -10.19
C VAL B 275 10.69 8.33 -11.51
N GLN B 276 10.27 7.58 -12.52
CA GLN B 276 10.06 8.16 -13.79
C GLN B 276 8.55 8.45 -14.00
N ILE B 277 8.18 9.60 -14.51
CA ILE B 277 6.76 9.82 -14.88
C ILE B 277 6.62 10.69 -16.14
N HIS B 278 5.53 10.44 -16.87
CA HIS B 278 5.11 11.36 -17.97
C HIS B 278 4.81 12.87 -17.57
N HIS B 279 5.49 13.84 -18.21
CA HIS B 279 5.35 15.36 -17.96
C HIS B 279 3.88 15.80 -18.36
N HIS B 280 3.19 16.61 -17.50
CA HIS B 280 1.82 17.11 -17.80
C HIS B 280 1.75 18.60 -17.50
C1 GOL C . -3.23 -8.22 -1.23
O1 GOL C . -3.40 -7.04 -0.43
C2 GOL C . -2.91 -7.78 -2.66
O2 GOL C . -1.92 -6.70 -2.65
C3 GOL C . -4.16 -7.25 -3.43
O3 GOL C . -3.92 -7.21 -4.89
S SO4 D . -3.53 -1.13 1.20
O1 SO4 D . -3.27 -0.68 -0.21
O2 SO4 D . -2.35 -1.18 2.08
O3 SO4 D . -4.44 -0.10 1.61
O4 SO4 D . -3.98 -2.49 1.27
#